data_5VN4
#
_entry.id   5VN4
#
_cell.length_a   72.840
_cell.length_b   72.850
_cell.length_c   85.610
_cell.angle_alpha   90.000
_cell.angle_beta   90.000
_cell.angle_gamma   90.000
#
_symmetry.space_group_name_H-M   'P 21 21 21'
#
loop_
_entity.id
_entity.type
_entity.pdbx_description
1 polymer 'Adenine phosphoribosyltransferase, putative'
2 non-polymer ADENINE
3 non-polymer 5-O-phosphono-alpha-D-ribofuranose
4 non-polymer PYROPHOSPHATE
5 non-polymer 'MAGNESIUM ION'
6 water water
#
_entity_poly.entity_id   1
_entity_poly.type   'polypeptide(L)'
_entity_poly.pdbx_seq_one_letter_code
;MAHHHHHHMSLVEVLPNYFTLSKDSPLRKKFEKVYKWYSPAFSPHDVPRFAEVGNITENPEVMRGIRDFFVDRYKNLQQP
ITHILGFDSRGFLLGPMIAVELNVPFVLIRKANKIAGVIIKSEPYTKEYAAESEECMTVRFGSFDKNSRVVLIDDVIATG
GTMLAGVQLVDACGATLVEVAGILGLTFLKGTQPAHTFAGGRYSNVPFVTLVDETVLSDENCGDPLHHKGSRIISCAEAK
KLI
;
_entity_poly.pdbx_strand_id   A,B
#
loop_
_chem_comp.id
_chem_comp.type
_chem_comp.name
_chem_comp.formula
ADE non-polymer ADENINE 'C5 H5 N5'
HSX D-saccharide, alpha linking 5-O-phosphono-alpha-D-ribofuranose 'C5 H11 O8 P'
MG non-polymer 'MAGNESIUM ION' 'Mg 2'
PPV non-polymer PYROPHOSPHATE 'H4 O7 P2'
#
# COMPACT_ATOMS: atom_id res chain seq x y z
N HIS A 7 19.35 -9.50 16.82
CA HIS A 7 18.20 -8.64 16.64
C HIS A 7 16.92 -9.45 16.66
N HIS A 8 17.00 -10.69 17.15
CA HIS A 8 15.83 -11.54 17.22
C HIS A 8 14.84 -11.01 18.26
N MET A 9 13.57 -11.00 17.89
CA MET A 9 12.46 -10.67 18.79
C MET A 9 11.61 -11.90 19.04
N SER A 10 11.07 -12.01 20.25
CA SER A 10 10.42 -13.24 20.72
C SER A 10 8.92 -13.09 20.80
N LEU A 11 8.22 -14.13 20.38
CA LEU A 11 6.77 -14.20 20.40
C LEU A 11 6.28 -15.05 21.55
N VAL A 12 5.04 -14.79 21.96
CA VAL A 12 4.34 -15.62 22.92
CA VAL A 12 4.33 -15.58 22.95
C VAL A 12 2.97 -15.96 22.36
N GLU A 13 2.54 -17.20 22.60
CA GLU A 13 1.25 -17.67 22.12
C GLU A 13 0.20 -17.32 23.17
N VAL A 14 -0.64 -16.33 22.85
CA VAL A 14 -1.59 -15.83 23.85
C VAL A 14 -2.96 -16.51 23.76
N LEU A 15 -3.35 -16.99 22.57
CA LEU A 15 -4.49 -17.85 22.33
C LEU A 15 -3.99 -18.94 21.37
N PRO A 16 -4.72 -20.04 21.20
CA PRO A 16 -4.22 -21.09 20.28
C PRO A 16 -3.93 -20.55 18.88
N ASN A 17 -2.67 -20.67 18.47
CA ASN A 17 -2.18 -20.19 17.18
C ASN A 17 -2.38 -18.68 16.99
N TYR A 18 -2.36 -17.93 18.08
CA TYR A 18 -2.38 -16.46 18.03
C TYR A 18 -1.17 -15.97 18.80
N PHE A 19 -0.15 -15.50 18.08
CA PHE A 19 1.13 -15.12 18.64
C PHE A 19 1.32 -13.61 18.56
N THR A 20 1.95 -13.04 19.60
CA THR A 20 2.28 -11.63 19.62
C THR A 20 3.61 -11.46 20.35
N LEU A 21 4.24 -10.30 20.20
CA LEU A 21 5.54 -10.13 20.86
C LEU A 21 5.39 -10.21 22.38
N SER A 22 6.45 -10.71 23.03
CA SER A 22 6.48 -10.73 24.48
C SER A 22 6.28 -9.32 25.04
N LYS A 23 5.85 -9.26 26.31
CA LYS A 23 5.57 -7.96 26.92
C LYS A 23 6.81 -7.08 27.01
N ASP A 24 7.98 -7.69 27.20
CA ASP A 24 9.23 -6.97 27.38
C ASP A 24 10.00 -6.76 26.09
N SER A 25 9.49 -7.24 24.95
CA SER A 25 10.25 -7.19 23.70
C SER A 25 10.63 -5.75 23.36
N PRO A 26 11.90 -5.49 23.03
CA PRO A 26 12.27 -4.12 22.64
C PRO A 26 11.47 -3.59 21.46
N LEU A 27 11.07 -4.43 20.52
CA LEU A 27 10.27 -3.95 19.39
C LEU A 27 8.87 -3.55 19.85
N ARG A 28 8.29 -4.31 20.79
CA ARG A 28 7.02 -3.90 21.37
C ARG A 28 7.14 -2.52 22.04
N LYS A 29 8.21 -2.31 22.80
CA LYS A 29 8.39 -1.02 23.46
C LYS A 29 8.45 0.13 22.45
N LYS A 30 9.10 -0.10 21.30
CA LYS A 30 9.11 0.93 20.25
C LYS A 30 7.70 1.21 19.73
N PHE A 31 6.91 0.16 19.46
CA PHE A 31 5.52 0.34 19.06
C PHE A 31 4.75 1.14 20.10
N GLU A 32 5.00 0.87 21.38
CA GLU A 32 4.22 1.53 22.44
C GLU A 32 4.43 3.04 22.43
N LYS A 33 5.55 3.52 21.92
CA LYS A 33 5.81 4.94 21.89
C LYS A 33 5.27 5.63 20.64
N VAL A 34 4.85 4.87 19.62
CA VAL A 34 4.45 5.48 18.36
CA VAL A 34 4.49 5.43 18.32
C VAL A 34 3.02 5.16 17.97
N TYR A 35 2.50 3.99 18.32
CA TYR A 35 1.13 3.65 17.92
C TYR A 35 0.17 4.54 18.70
N LYS A 36 -0.68 5.25 18.00
CA LYS A 36 -1.74 6.05 18.60
C LYS A 36 -3.11 5.53 18.16
N TRP A 37 -4.08 5.69 19.03
CA TRP A 37 -5.45 5.39 18.69
C TRP A 37 -6.30 6.64 18.71
N TYR A 38 -7.36 6.62 17.93
CA TYR A 38 -8.25 7.76 17.80
C TYR A 38 -9.67 7.34 18.14
N SER A 39 -10.38 8.20 18.84
CA SER A 39 -11.76 7.92 19.20
C SER A 39 -12.66 8.18 18.00
N PRO A 40 -13.93 7.78 18.06
CA PRO A 40 -14.80 8.00 16.91
C PRO A 40 -14.83 9.43 16.41
N ALA A 41 -14.70 10.41 17.32
CA ALA A 41 -14.72 11.81 16.92
C ALA A 41 -13.57 12.17 15.99
N PHE A 42 -12.50 11.39 15.97
CA PHE A 42 -11.35 11.71 15.13
C PHE A 42 -10.94 10.54 14.26
N SER A 43 -11.88 9.68 13.89
CA SER A 43 -11.56 8.46 13.17
CA SER A 43 -11.53 8.48 13.14
CA SER A 43 -11.56 8.46 13.17
C SER A 43 -12.50 8.27 11.98
N PRO A 44 -12.05 7.58 10.94
CA PRO A 44 -12.95 7.26 9.82
C PRO A 44 -13.93 6.13 10.12
N HIS A 45 -13.79 5.42 11.25
CA HIS A 45 -14.69 4.33 11.60
C HIS A 45 -14.91 4.31 13.11
N ASP A 46 -16.16 4.23 13.56
N ASP A 46 -16.18 4.33 13.52
CA ASP A 46 -16.39 4.54 14.98
CA ASP A 46 -16.52 4.34 14.94
C ASP A 46 -16.22 3.35 15.95
C ASP A 46 -16.36 2.93 15.50
N VAL A 47 -15.12 2.62 15.79
CA VAL A 47 -14.72 1.61 16.76
C VAL A 47 -14.22 2.39 17.96
N PRO A 48 -14.13 1.81 19.16
CA PRO A 48 -13.65 2.60 20.30
C PRO A 48 -12.27 3.19 20.12
N ARG A 49 -11.34 2.40 19.58
CA ARG A 49 -9.94 2.83 19.47
C ARG A 49 -9.44 2.43 18.09
N PHE A 50 -9.30 3.42 17.21
CA PHE A 50 -8.84 3.19 15.84
C PHE A 50 -7.35 3.44 15.75
N ALA A 51 -6.61 2.40 15.35
CA ALA A 51 -5.15 2.45 15.32
C ALA A 51 -4.69 2.87 13.93
N GLU A 52 -4.32 4.15 13.79
CA GLU A 52 -3.96 4.71 12.49
C GLU A 52 -2.59 4.21 12.05
N VAL A 53 -2.54 3.56 10.88
CA VAL A 53 -1.28 2.98 10.41
C VAL A 53 -0.26 4.04 10.02
N GLY A 54 -0.70 5.27 9.71
CA GLY A 54 0.24 6.28 9.29
C GLY A 54 1.27 6.66 10.34
N ASN A 55 0.92 6.54 11.63
CA ASN A 55 1.92 6.81 12.66
C ASN A 55 3.00 5.73 12.68
N ILE A 56 2.71 4.55 12.16
CA ILE A 56 3.73 3.51 12.02
C ILE A 56 4.61 3.79 10.81
N THR A 57 3.99 4.05 9.65
CA THR A 57 4.80 4.26 8.45
C THR A 57 5.65 5.52 8.56
N GLU A 58 5.23 6.48 9.38
CA GLU A 58 6.01 7.69 9.61
C GLU A 58 7.20 7.47 10.53
N ASN A 59 7.36 6.27 11.10
CA ASN A 59 8.50 5.99 11.97
C ASN A 59 9.41 4.98 11.30
N PRO A 60 10.48 5.40 10.63
CA PRO A 60 11.30 4.43 9.89
C PRO A 60 11.95 3.38 10.79
N GLU A 61 12.25 3.70 12.05
CA GLU A 61 12.82 2.70 12.94
C GLU A 61 11.86 1.53 13.16
N VAL A 62 10.58 1.84 13.43
CA VAL A 62 9.61 0.75 13.60
C VAL A 62 9.38 0.01 12.28
N MET A 63 9.31 0.74 11.16
CA MET A 63 9.14 0.08 9.87
C MET A 63 10.30 -0.88 9.60
N ARG A 64 11.52 -0.45 9.90
CA ARG A 64 12.68 -1.34 9.76
C ARG A 64 12.57 -2.54 10.70
N GLY A 65 12.07 -2.32 11.92
CA GLY A 65 11.91 -3.44 12.84
C GLY A 65 10.88 -4.45 12.34
N ILE A 66 9.78 -3.96 11.76
CA ILE A 66 8.78 -4.84 11.15
C ILE A 66 9.41 -5.64 10.02
N ARG A 67 10.05 -4.93 9.08
CA ARG A 67 10.71 -5.58 7.96
C ARG A 67 11.70 -6.63 8.44
N ASP A 68 12.58 -6.25 9.37
CA ASP A 68 13.62 -7.15 9.82
C ASP A 68 13.03 -8.38 10.51
N PHE A 69 11.98 -8.17 11.31
CA PHE A 69 11.36 -9.30 12.00
C PHE A 69 10.87 -10.35 11.01
N PHE A 70 10.08 -9.93 10.02
CA PHE A 70 9.47 -10.89 9.12
C PHE A 70 10.46 -11.46 8.10
N VAL A 71 11.41 -10.66 7.63
CA VAL A 71 12.44 -11.19 6.74
C VAL A 71 13.24 -12.27 7.46
N ASP A 72 13.68 -11.99 8.69
CA ASP A 72 14.45 -12.97 9.45
CA ASP A 72 14.45 -12.98 9.44
C ASP A 72 13.62 -14.22 9.72
N ARG A 73 12.35 -14.05 10.06
CA ARG A 73 11.48 -15.17 10.39
C ARG A 73 11.34 -16.11 9.20
N TYR A 74 11.06 -15.55 8.02
CA TYR A 74 10.81 -16.39 6.85
C TYR A 74 12.09 -16.87 6.19
N LYS A 75 13.22 -16.15 6.39
CA LYS A 75 14.50 -16.66 5.91
C LYS A 75 14.92 -17.91 6.66
N ASN A 76 14.47 -18.07 7.90
CA ASN A 76 14.94 -19.14 8.76
C ASN A 76 14.00 -20.35 8.78
N LEU A 77 12.96 -20.33 7.96
CA LEU A 77 12.13 -21.52 7.79
C LEU A 77 12.93 -22.62 7.09
N GLN A 78 12.71 -23.86 7.50
CA GLN A 78 13.33 -24.99 6.81
C GLN A 78 12.85 -25.12 5.38
N GLN A 79 11.59 -24.75 5.12
CA GLN A 79 11.03 -24.75 3.78
C GLN A 79 10.63 -23.32 3.43
N PRO A 80 11.24 -22.71 2.43
CA PRO A 80 10.98 -21.27 2.18
C PRO A 80 9.56 -21.01 1.70
N ILE A 81 9.10 -19.79 1.95
CA ILE A 81 7.86 -19.33 1.35
C ILE A 81 8.12 -18.91 -0.10
N THR A 82 7.07 -18.95 -0.91
CA THR A 82 7.16 -18.60 -2.33
C THR A 82 6.48 -17.28 -2.69
N HIS A 83 5.51 -16.82 -1.89
CA HIS A 83 4.75 -15.62 -2.20
C HIS A 83 4.29 -14.98 -0.91
N ILE A 84 4.23 -13.64 -0.92
CA ILE A 84 3.52 -12.88 0.11
C ILE A 84 2.31 -12.24 -0.55
N LEU A 85 1.13 -12.45 0.03
CA LEU A 85 -0.13 -11.89 -0.45
C LEU A 85 -0.57 -10.85 0.57
N GLY A 86 -0.78 -9.61 0.13
CA GLY A 86 -1.14 -8.53 1.03
C GLY A 86 -2.42 -7.83 0.62
N PHE A 87 -3.16 -7.36 1.62
CA PHE A 87 -4.49 -6.77 1.40
C PHE A 87 -4.43 -5.28 1.10
N ASP A 88 -5.14 -4.89 0.05
CA ASP A 88 -5.46 -3.48 -0.18
CA ASP A 88 -5.50 -3.49 -0.21
C ASP A 88 -6.26 -2.97 1.02
N SER A 89 -5.89 -1.79 1.55
CA SER A 89 -4.76 -0.99 1.08
CA SER A 89 -4.79 -0.93 1.12
C SER A 89 -3.61 -0.94 2.10
N ARG A 90 -3.90 -1.22 3.37
CA ARG A 90 -2.85 -1.06 4.39
C ARG A 90 -1.86 -2.21 4.39
N GLY A 91 -2.28 -3.42 4.00
CA GLY A 91 -1.31 -4.50 3.83
C GLY A 91 -0.29 -4.19 2.76
N PHE A 92 -0.66 -3.35 1.78
CA PHE A 92 0.27 -2.92 0.74
C PHE A 92 1.47 -2.17 1.32
N LEU A 93 1.30 -1.55 2.50
CA LEU A 93 2.36 -0.77 3.12
C LEU A 93 3.45 -1.64 3.73
N LEU A 94 3.17 -2.91 3.99
CA LEU A 94 4.05 -3.78 4.75
C LEU A 94 4.65 -4.91 3.93
N GLY A 95 3.89 -5.52 3.02
CA GLY A 95 4.35 -6.67 2.28
C GLY A 95 5.55 -6.46 1.38
N PRO A 96 5.52 -5.42 0.53
CA PRO A 96 6.62 -5.27 -0.46
C PRO A 96 8.01 -5.17 0.14
N MET A 97 8.19 -4.45 1.25
CA MET A 97 9.53 -4.32 1.81
C MET A 97 10.04 -5.65 2.35
N ILE A 98 9.14 -6.56 2.74
CA ILE A 98 9.54 -7.89 3.15
C ILE A 98 9.82 -8.77 1.94
N ALA A 99 8.92 -8.74 0.95
CA ALA A 99 9.04 -9.58 -0.23
C ALA A 99 10.33 -9.28 -1.01
N VAL A 100 10.73 -8.01 -1.10
CA VAL A 100 11.93 -7.70 -1.86
CA VAL A 100 11.93 -7.66 -1.84
C VAL A 100 13.16 -8.33 -1.23
N GLU A 101 13.25 -8.34 0.10
CA GLU A 101 14.41 -8.93 0.74
C GLU A 101 14.40 -10.45 0.66
N LEU A 102 13.21 -11.05 0.66
CA LEU A 102 13.10 -12.49 0.49
C LEU A 102 13.19 -12.91 -0.97
N ASN A 103 13.16 -11.95 -1.89
CA ASN A 103 13.18 -12.24 -3.33
C ASN A 103 12.00 -13.11 -3.74
N VAL A 104 10.81 -12.71 -3.30
CA VAL A 104 9.58 -13.43 -3.67
C VAL A 104 8.58 -12.43 -4.21
N PRO A 105 7.64 -12.89 -5.04
CA PRO A 105 6.54 -12.02 -5.48
C PRO A 105 5.74 -11.49 -4.30
N PHE A 106 5.31 -10.23 -4.44
CA PHE A 106 4.24 -9.68 -3.62
C PHE A 106 2.98 -9.64 -4.47
N VAL A 107 1.95 -10.35 -4.03
CA VAL A 107 0.70 -10.54 -4.76
C VAL A 107 -0.38 -9.68 -4.12
N LEU A 108 -1.14 -8.95 -4.94
CA LEU A 108 -2.15 -8.03 -4.43
C LEU A 108 -3.48 -8.74 -4.21
N ILE A 109 -4.05 -8.57 -3.03
CA ILE A 109 -5.45 -8.92 -2.78
C ILE A 109 -6.22 -7.61 -2.75
N ARG A 110 -7.18 -7.45 -3.66
CA ARG A 110 -7.77 -6.14 -3.89
C ARG A 110 -9.28 -6.17 -3.79
N LYS A 111 -9.84 -5.01 -3.41
CA LYS A 111 -11.27 -4.84 -3.42
C LYS A 111 -11.78 -4.91 -4.86
N ALA A 112 -13.09 -4.86 -5.04
N ALA A 112 -13.10 -4.81 -4.98
CA ALA A 112 -13.63 -5.10 -6.38
CA ALA A 112 -13.89 -5.13 -6.15
C ALA A 112 -13.24 -3.97 -7.35
C ALA A 112 -13.15 -4.87 -7.46
N ASN A 113 -13.23 -4.31 -8.64
N ASN A 113 -12.34 -5.84 -7.87
CA ASN A 113 -12.95 -3.35 -9.73
CA ASN A 113 -11.92 -5.99 -9.25
C ASN A 113 -11.56 -2.74 -9.62
C ASN A 113 -11.01 -4.88 -9.74
N LYS A 114 -10.55 -3.59 -9.40
N LYS A 114 -10.29 -4.23 -8.83
CA LYS A 114 -9.18 -3.08 -9.21
CA LYS A 114 -9.29 -3.22 -9.21
C LYS A 114 -8.10 -3.87 -9.93
C LYS A 114 -8.13 -3.88 -9.95
N ILE A 115 -8.19 -5.20 -10.08
CA ILE A 115 -7.15 -6.00 -10.72
C ILE A 115 -7.61 -6.34 -12.14
N ALA A 116 -6.68 -6.26 -13.08
CA ALA A 116 -6.96 -6.60 -14.49
C ALA A 116 -6.72 -8.08 -14.76
N GLY A 117 -7.26 -8.55 -15.88
CA GLY A 117 -7.14 -9.95 -16.27
C GLY A 117 -8.21 -10.82 -15.64
N VAL A 118 -7.93 -12.13 -15.63
CA VAL A 118 -8.83 -13.09 -14.98
C VAL A 118 -8.54 -13.06 -13.48
N ILE A 119 -9.59 -12.90 -12.69
CA ILE A 119 -9.42 -12.76 -11.25
C ILE A 119 -10.41 -13.66 -10.52
N ILE A 120 -10.02 -14.07 -9.31
CA ILE A 120 -10.84 -14.90 -8.44
C ILE A 120 -11.43 -14.00 -7.36
N LYS A 121 -12.72 -14.13 -7.10
CA LYS A 121 -13.40 -13.32 -6.08
C LYS A 121 -13.75 -14.18 -4.87
N SER A 122 -13.54 -13.62 -3.67
CA SER A 122 -13.91 -14.25 -2.43
C SER A 122 -15.42 -14.15 -2.21
N GLU A 123 -15.90 -14.75 -1.12
CA GLU A 123 -17.22 -14.41 -0.64
C GLU A 123 -17.23 -12.98 -0.10
N PRO A 124 -18.40 -12.33 -0.05
CA PRO A 124 -18.44 -10.98 0.53
C PRO A 124 -17.86 -10.97 1.93
N TYR A 125 -17.03 -9.97 2.21
CA TYR A 125 -16.30 -9.93 3.46
C TYR A 125 -17.01 -9.08 4.51
N THR A 126 -16.56 -9.23 5.76
CA THR A 126 -16.94 -8.35 6.85
C THR A 126 -15.67 -7.90 7.55
N LYS A 127 -15.76 -6.77 8.25
CA LYS A 127 -14.66 -6.24 9.06
C LYS A 127 -15.24 -5.79 10.40
N GLU A 128 -14.35 -5.46 11.35
CA GLU A 128 -14.81 -4.93 12.64
C GLU A 128 -15.85 -3.83 12.44
N TYR A 129 -15.65 -2.98 11.43
CA TYR A 129 -16.52 -1.84 11.20
C TYR A 129 -17.31 -1.91 9.90
N ALA A 130 -17.41 -3.08 9.28
CA ALA A 130 -18.11 -3.20 8.01
C ALA A 130 -19.02 -4.42 8.04
N ALA A 131 -20.32 -4.18 7.90
CA ALA A 131 -21.26 -5.27 7.70
C ALA A 131 -21.13 -5.81 6.28
N GLU A 132 -21.63 -7.02 6.07
CA GLU A 132 -21.56 -7.64 4.76
C GLU A 132 -22.32 -6.80 3.73
N SER A 133 -21.71 -6.65 2.55
CA SER A 133 -22.36 -6.01 1.41
C SER A 133 -22.00 -6.79 0.15
N GLU A 134 -21.88 -6.10 -0.99
CA GLU A 134 -21.44 -6.76 -2.21
C GLU A 134 -19.92 -6.81 -2.35
N GLU A 135 -19.19 -6.11 -1.47
CA GLU A 135 -17.74 -6.03 -1.60
C GLU A 135 -17.08 -7.37 -1.27
N CYS A 136 -16.21 -7.81 -2.17
CA CYS A 136 -15.40 -9.01 -1.99
C CYS A 136 -13.94 -8.64 -2.22
N MET A 137 -13.05 -9.53 -1.80
CA MET A 137 -11.64 -9.43 -2.17
C MET A 137 -11.38 -10.28 -3.41
N THR A 138 -10.39 -9.87 -4.19
CA THR A 138 -10.03 -10.57 -5.41
C THR A 138 -8.51 -10.74 -5.49
N VAL A 139 -8.08 -11.70 -6.32
CA VAL A 139 -6.68 -11.93 -6.60
C VAL A 139 -6.54 -12.38 -8.05
N ARG A 140 -5.42 -12.03 -8.67
CA ARG A 140 -5.20 -12.39 -10.07
CA ARG A 140 -5.24 -12.39 -10.07
C ARG A 140 -5.05 -13.89 -10.20
N PHE A 141 -5.79 -14.49 -11.13
CA PHE A 141 -5.60 -15.90 -11.42
C PHE A 141 -4.22 -16.09 -12.05
N GLY A 142 -3.50 -17.10 -11.56
CA GLY A 142 -2.17 -17.40 -12.05
C GLY A 142 -1.05 -16.73 -11.30
N SER A 143 -1.35 -15.92 -10.28
CA SER A 143 -0.30 -15.30 -9.48
C SER A 143 0.34 -16.27 -8.50
N PHE A 144 -0.36 -17.35 -8.13
CA PHE A 144 0.18 -18.41 -7.31
C PHE A 144 -0.66 -19.65 -7.60
N ASP A 145 -0.20 -20.81 -7.12
CA ASP A 145 -0.90 -22.05 -7.48
C ASP A 145 -0.74 -23.07 -6.35
N LYS A 146 -1.13 -24.32 -6.64
CA LYS A 146 -1.18 -25.33 -5.60
C LYS A 146 0.20 -25.70 -5.05
N ASN A 147 1.26 -25.34 -5.76
CA ASN A 147 2.61 -25.62 -5.28
C ASN A 147 3.21 -24.45 -4.52
N SER A 148 2.44 -23.39 -4.29
CA SER A 148 2.93 -22.21 -3.61
C SER A 148 2.82 -22.37 -2.11
N ARG A 149 3.71 -21.68 -1.40
CA ARG A 149 3.69 -21.60 0.06
CA ARG A 149 3.70 -21.59 0.06
C ARG A 149 3.58 -20.11 0.39
N VAL A 150 2.41 -19.70 0.87
CA VAL A 150 2.11 -18.27 0.95
C VAL A 150 1.95 -17.77 2.38
N VAL A 151 2.23 -16.48 2.54
CA VAL A 151 1.93 -15.74 3.76
C VAL A 151 0.92 -14.66 3.40
N LEU A 152 -0.14 -14.54 4.20
CA LEU A 152 -1.08 -13.43 4.10
C LEU A 152 -0.65 -12.33 5.07
N ILE A 153 -0.61 -11.08 4.62
CA ILE A 153 -0.19 -9.97 5.47
C ILE A 153 -1.18 -8.81 5.41
N ASP A 154 -1.45 -8.22 6.57
CA ASP A 154 -2.26 -7.02 6.70
C ASP A 154 -1.69 -6.21 7.86
N ASP A 155 -2.24 -5.02 8.08
CA ASP A 155 -1.80 -4.28 9.27
C ASP A 155 -2.50 -4.77 10.54
N VAL A 156 -3.84 -4.74 10.56
CA VAL A 156 -4.63 -5.08 11.75
C VAL A 156 -5.39 -6.36 11.47
N ILE A 157 -5.43 -7.24 12.46
CA ILE A 157 -6.36 -8.37 12.50
C ILE A 157 -7.30 -8.11 13.67
N ALA A 158 -8.59 -7.92 13.35
CA ALA A 158 -9.60 -7.60 14.35
C ALA A 158 -10.56 -8.77 14.40
N THR A 159 -11.69 -8.72 13.70
CA THR A 159 -12.60 -9.86 13.67
C THR A 159 -12.06 -11.03 12.86
N GLY A 160 -11.06 -10.81 12.00
CA GLY A 160 -10.60 -11.86 11.12
C GLY A 160 -11.43 -12.04 9.86
N GLY A 161 -12.42 -11.18 9.64
CA GLY A 161 -13.19 -11.27 8.40
C GLY A 161 -12.35 -11.03 7.16
N THR A 162 -11.47 -10.03 7.21
CA THR A 162 -10.62 -9.78 6.05
C THR A 162 -9.70 -10.97 5.80
N MET A 163 -9.07 -11.49 6.85
CA MET A 163 -8.21 -12.66 6.67
C MET A 163 -8.98 -13.84 6.09
N LEU A 164 -10.23 -14.03 6.51
CA LEU A 164 -11.04 -15.12 5.96
C LEU A 164 -11.17 -14.99 4.44
N ALA A 165 -11.38 -13.77 3.94
CA ALA A 165 -11.45 -13.56 2.50
C ALA A 165 -10.14 -13.97 1.83
N GLY A 166 -9.00 -13.65 2.43
CA GLY A 166 -7.73 -14.09 1.89
C GLY A 166 -7.58 -15.60 1.93
N VAL A 167 -8.01 -16.23 3.04
CA VAL A 167 -7.97 -17.69 3.13
C VAL A 167 -8.79 -18.33 2.02
N GLN A 168 -9.98 -17.77 1.74
CA GLN A 168 -10.80 -18.30 0.66
C GLN A 168 -10.08 -18.24 -0.68
N LEU A 169 -9.34 -17.16 -0.93
CA LEU A 169 -8.62 -17.02 -2.19
C LEU A 169 -7.41 -17.95 -2.27
N VAL A 170 -6.71 -18.13 -1.15
CA VAL A 170 -5.62 -19.11 -1.12
C VAL A 170 -6.16 -20.51 -1.36
N ASP A 171 -7.27 -20.84 -0.71
CA ASP A 171 -7.93 -22.13 -0.86
C ASP A 171 -8.38 -22.35 -2.30
N ALA A 172 -8.78 -21.28 -2.99
CA ALA A 172 -9.25 -21.40 -4.37
C ALA A 172 -8.17 -21.86 -5.33
N CYS A 173 -6.89 -21.73 -4.95
CA CYS A 173 -5.79 -22.22 -5.76
C CYS A 173 -5.11 -23.43 -5.16
N GLY A 174 -5.59 -23.93 -4.03
CA GLY A 174 -5.01 -25.13 -3.43
C GLY A 174 -3.65 -24.94 -2.83
N ALA A 175 -3.24 -23.70 -2.59
CA ALA A 175 -1.90 -23.42 -2.10
C ALA A 175 -1.78 -23.71 -0.61
N THR A 176 -0.54 -23.82 -0.15
CA THR A 176 -0.27 -24.00 1.27
C THR A 176 -0.20 -22.63 1.94
N LEU A 177 -1.01 -22.44 2.97
CA LEU A 177 -0.98 -21.20 3.76
C LEU A 177 -0.03 -21.43 4.93
N VAL A 178 1.11 -20.75 4.90
CA VAL A 178 2.13 -20.97 5.91
C VAL A 178 1.82 -20.19 7.18
N GLU A 179 1.43 -18.93 7.06
CA GLU A 179 1.27 -18.06 8.21
C GLU A 179 0.42 -16.88 7.80
N VAL A 180 -0.25 -16.31 8.79
CA VAL A 180 -0.96 -15.04 8.69
C VAL A 180 -0.18 -14.04 9.53
N ALA A 181 0.14 -12.88 8.94
CA ALA A 181 1.01 -11.89 9.56
C ALA A 181 0.33 -10.52 9.66
N GLY A 182 0.58 -9.83 10.76
CA GLY A 182 0.12 -8.46 10.91
C GLY A 182 0.96 -7.71 11.94
N ILE A 183 0.66 -6.43 12.11
CA ILE A 183 1.34 -5.66 13.15
C ILE A 183 0.51 -5.44 14.40
N LEU A 184 -0.83 -5.59 14.33
CA LEU A 184 -1.71 -5.36 15.47
C LEU A 184 -2.82 -6.40 15.45
N GLY A 185 -2.89 -7.20 16.51
CA GLY A 185 -3.96 -8.18 16.65
C GLY A 185 -4.81 -7.81 17.85
N LEU A 186 -6.12 -7.68 17.66
CA LEU A 186 -7.02 -7.36 18.77
C LEU A 186 -7.52 -8.70 19.28
N THR A 187 -6.78 -9.29 20.23
CA THR A 187 -6.99 -10.71 20.53
C THR A 187 -8.35 -10.95 21.18
N PHE A 188 -8.91 -9.95 21.85
CA PHE A 188 -10.23 -10.14 22.45
C PHE A 188 -11.32 -10.41 21.42
N LEU A 189 -11.07 -10.07 20.15
CA LEU A 189 -12.01 -10.36 19.08
C LEU A 189 -11.83 -11.75 18.49
N LYS A 190 -10.80 -12.49 18.90
CA LYS A 190 -10.59 -13.88 18.49
CA LYS A 190 -10.59 -13.88 18.49
C LYS A 190 -10.65 -14.02 16.97
N GLY A 191 -9.86 -13.18 16.29
CA GLY A 191 -9.85 -13.12 14.84
C GLY A 191 -9.25 -14.33 14.15
N THR A 192 -8.63 -15.24 14.90
CA THR A 192 -8.25 -16.53 14.33
C THR A 192 -9.45 -17.39 13.98
N GLN A 193 -10.60 -17.16 14.63
CA GLN A 193 -11.69 -18.12 14.52
CA GLN A 193 -11.70 -18.12 14.52
C GLN A 193 -12.20 -18.34 13.10
N PRO A 194 -12.49 -17.29 12.30
CA PRO A 194 -13.01 -17.56 10.94
C PRO A 194 -12.06 -18.39 10.10
N ALA A 195 -10.78 -18.01 10.05
CA ALA A 195 -9.81 -18.76 9.25
C ALA A 195 -9.64 -20.18 9.77
N HIS A 196 -9.67 -20.35 11.10
CA HIS A 196 -9.42 -21.65 11.69
C HIS A 196 -10.62 -22.59 11.66
N THR A 197 -11.80 -22.08 11.32
CA THR A 197 -12.98 -22.94 11.24
C THR A 197 -13.52 -23.07 9.82
N PHE A 198 -13.05 -22.22 8.89
CA PHE A 198 -13.40 -22.34 7.48
C PHE A 198 -13.14 -23.74 6.96
N ALA A 199 -14.05 -24.24 6.12
CA ALA A 199 -13.86 -25.53 5.44
C ALA A 199 -13.56 -26.66 6.43
N GLY A 200 -14.31 -26.68 7.52
CA GLY A 200 -14.18 -27.74 8.50
C GLY A 200 -12.85 -27.78 9.22
N GLY A 201 -12.16 -26.64 9.31
CA GLY A 201 -10.90 -26.59 10.04
C GLY A 201 -9.66 -26.86 9.20
N ARG A 202 -9.79 -26.80 7.87
CA ARG A 202 -8.67 -27.04 6.96
C ARG A 202 -7.44 -26.21 7.28
N TYR A 203 -7.61 -25.02 7.84
CA TYR A 203 -6.50 -24.10 8.12
C TYR A 203 -6.26 -23.89 9.60
N SER A 204 -6.74 -24.79 10.46
CA SER A 204 -6.58 -24.59 11.91
C SER A 204 -5.12 -24.67 12.35
N ASN A 205 -4.23 -25.23 11.54
CA ASN A 205 -2.82 -25.30 11.90
C ASN A 205 -2.00 -24.09 11.42
N VAL A 206 -2.67 -22.99 11.05
CA VAL A 206 -1.99 -21.81 10.49
C VAL A 206 -1.79 -20.81 11.62
N PRO A 207 -0.56 -20.50 12.01
CA PRO A 207 -0.36 -19.48 13.05
C PRO A 207 -0.72 -18.08 12.55
N PHE A 208 -1.35 -17.30 13.42
CA PHE A 208 -1.48 -15.86 13.27
C PHE A 208 -0.38 -15.21 14.09
N VAL A 209 0.37 -14.30 13.48
CA VAL A 209 1.45 -13.59 14.15
C VAL A 209 1.21 -12.10 13.98
N THR A 210 0.85 -11.43 15.08
CA THR A 210 0.64 -9.98 15.05
C THR A 210 1.60 -9.36 16.05
N LEU A 211 2.48 -8.48 15.59
CA LEU A 211 3.60 -8.04 16.41
C LEU A 211 3.15 -7.45 17.74
N VAL A 212 2.19 -6.53 17.72
CA VAL A 212 1.64 -6.05 18.98
C VAL A 212 0.15 -6.36 19.06
N ASP A 213 -0.48 -5.95 20.15
CA ASP A 213 -1.85 -6.35 20.47
C ASP A 213 -2.56 -5.16 21.09
N GLU A 214 -3.76 -5.42 21.62
CA GLU A 214 -4.60 -4.35 22.16
C GLU A 214 -3.95 -3.62 23.34
N THR A 215 -2.94 -4.21 24.00
CA THR A 215 -2.32 -3.51 25.12
C THR A 215 -1.55 -2.28 24.65
N VAL A 216 -1.23 -2.19 23.35
CA VAL A 216 -0.57 -1.00 22.84
C VAL A 216 -1.50 0.21 22.80
N LEU A 217 -2.82 -0.03 22.85
CA LEU A 217 -3.82 1.03 22.75
C LEU A 217 -4.23 1.54 24.13
N SER A 218 -3.24 2.00 24.87
CA SER A 218 -3.39 2.43 26.25
C SER A 218 -3.99 3.83 26.31
N ASP A 219 -4.47 4.20 27.51
CA ASP A 219 -5.07 5.52 27.70
C ASP A 219 -4.09 6.63 27.33
N GLU A 220 -2.81 6.44 27.64
CA GLU A 220 -1.82 7.48 27.38
C GLU A 220 -1.45 7.58 25.91
N ASN A 221 -1.98 6.71 25.04
CA ASN A 221 -1.62 6.65 23.63
C ASN A 221 -2.74 7.16 22.72
N CYS A 222 -3.66 7.97 23.23
CA CYS A 222 -4.68 8.55 22.38
C CYS A 222 -4.08 9.67 21.53
N GLY A 223 -4.36 9.62 20.23
CA GLY A 223 -3.88 10.63 19.32
C GLY A 223 -4.84 11.78 19.07
N ASP A 224 -6.04 11.74 19.65
CA ASP A 224 -7.00 12.83 19.45
C ASP A 224 -6.36 14.15 19.85
N PRO A 225 -6.62 15.24 19.12
CA PRO A 225 -6.18 16.54 19.62
C PRO A 225 -6.92 16.89 20.89
N LEU A 226 -6.22 17.55 21.81
CA LEU A 226 -6.86 17.91 23.08
C LEU A 226 -7.88 19.03 22.90
N HIS A 227 -7.64 19.92 21.94
CA HIS A 227 -8.63 20.88 21.50
C HIS A 227 -8.48 21.06 20.00
N HIS A 228 -9.61 21.23 19.33
CA HIS A 228 -9.60 21.44 17.88
C HIS A 228 -10.87 22.16 17.48
N LYS A 229 -10.75 23.16 16.61
CA LYS A 229 -11.91 23.93 16.18
C LYS A 229 -12.66 23.21 15.05
N GLY A 230 -13.93 22.87 15.31
CA GLY A 230 -14.83 22.36 14.29
C GLY A 230 -14.45 20.98 13.77
N SER A 231 -14.82 20.75 12.51
CA SER A 231 -14.57 19.46 11.87
C SER A 231 -13.08 19.14 11.87
N ARG A 232 -12.76 17.86 12.03
CA ARG A 232 -11.38 17.41 11.86
C ARG A 232 -10.89 17.52 10.43
N ILE A 233 -11.78 17.74 9.46
CA ILE A 233 -11.41 17.87 8.06
C ILE A 233 -11.29 19.35 7.74
N ILE A 234 -10.06 19.79 7.40
CA ILE A 234 -9.79 21.19 7.12
C ILE A 234 -9.35 21.34 5.66
N SER A 235 -9.64 22.51 5.08
CA SER A 235 -9.29 22.77 3.71
C SER A 235 -7.83 23.19 3.59
N CYS A 236 -7.33 23.21 2.36
CA CYS A 236 -5.97 23.71 2.13
C CYS A 236 -5.84 25.16 2.58
N ALA A 237 -6.83 26.00 2.29
CA ALA A 237 -6.77 27.39 2.70
C ALA A 237 -6.76 27.52 4.22
N GLU A 238 -7.58 26.71 4.90
CA GLU A 238 -7.57 26.74 6.36
C GLU A 238 -6.24 26.27 6.91
N ALA A 239 -5.67 25.20 6.33
CA ALA A 239 -4.38 24.70 6.78
C ALA A 239 -3.27 25.74 6.60
N LYS A 240 -3.32 26.51 5.50
CA LYS A 240 -2.26 27.48 5.24
CA LYS A 240 -2.26 27.50 5.24
C LYS A 240 -2.20 28.56 6.33
N LYS A 241 -3.33 28.88 6.94
CA LYS A 241 -3.32 29.88 8.01
C LYS A 241 -2.57 29.40 9.24
N LEU A 242 -2.31 28.10 9.35
CA LEU A 242 -1.64 27.52 10.48
C LEU A 242 -0.14 27.34 10.26
N ILE A 243 0.36 27.66 9.07
CA ILE A 243 1.78 27.53 8.78
C ILE A 243 2.62 28.41 9.71
N MET B 9 20.00 4.41 -13.63
CA MET B 9 20.79 4.80 -14.80
C MET B 9 20.47 6.22 -15.25
N SER B 10 20.87 6.57 -16.47
CA SER B 10 20.73 7.93 -16.96
C SER B 10 19.28 8.22 -17.35
N LEU B 11 18.90 9.49 -17.18
CA LEU B 11 17.55 9.97 -17.48
C LEU B 11 17.55 10.86 -18.72
N VAL B 12 16.45 10.79 -19.46
CA VAL B 12 16.23 11.60 -20.64
C VAL B 12 15.03 12.50 -20.38
N GLU B 13 15.15 13.78 -20.73
CA GLU B 13 14.06 14.74 -20.59
C GLU B 13 13.20 14.66 -21.83
N VAL B 14 12.07 13.96 -21.74
CA VAL B 14 11.23 13.74 -22.92
C VAL B 14 10.24 14.89 -23.16
N LEU B 15 9.85 15.59 -22.10
CA LEU B 15 9.05 16.81 -22.17
C LEU B 15 9.65 17.73 -21.12
N PRO B 16 9.30 19.03 -21.10
CA PRO B 16 9.90 19.93 -20.10
C PRO B 16 9.70 19.44 -18.67
N ASN B 17 10.81 19.16 -18.00
CA ASN B 17 10.82 18.68 -16.62
C ASN B 17 10.09 17.34 -16.46
N TYR B 18 10.09 16.53 -17.50
CA TYR B 18 9.48 15.20 -17.48
C TYR B 18 10.57 14.23 -17.94
N PHE B 19 11.12 13.46 -17.00
CA PHE B 19 12.28 12.62 -17.22
C PHE B 19 11.91 11.15 -17.13
N THR B 20 12.58 10.33 -17.94
CA THR B 20 12.38 8.89 -17.91
C THR B 20 13.72 8.22 -18.21
N LEU B 21 13.81 6.92 -17.91
CA LEU B 21 15.06 6.22 -18.18
C LEU B 21 15.37 6.18 -19.67
N SER B 22 16.65 6.18 -20.00
CA SER B 22 17.08 6.06 -21.38
C SER B 22 16.57 4.76 -22.00
N LYS B 23 16.53 4.75 -23.33
CA LYS B 23 16.01 3.59 -24.05
C LYS B 23 16.81 2.32 -23.77
N ASP B 24 18.11 2.43 -23.54
CA ASP B 24 18.96 1.27 -23.34
C ASP B 24 19.23 0.97 -21.86
N SER B 25 18.50 1.60 -20.95
CA SER B 25 18.72 1.35 -19.54
C SER B 25 18.37 -0.10 -19.21
N PRO B 26 19.24 -0.83 -18.51
CA PRO B 26 18.90 -2.22 -18.15
C PRO B 26 17.62 -2.33 -17.35
N LEU B 27 17.31 -1.35 -16.50
CA LEU B 27 16.06 -1.41 -15.76
C LEU B 27 14.85 -1.23 -16.69
N ARG B 28 14.96 -0.35 -17.68
CA ARG B 28 13.88 -0.24 -18.67
C ARG B 28 13.65 -1.56 -19.37
N LYS B 29 14.72 -2.25 -19.74
CA LYS B 29 14.57 -3.54 -20.42
C LYS B 29 13.88 -4.56 -19.54
N LYS B 30 14.13 -4.52 -18.23
CA LYS B 30 13.41 -5.43 -17.33
C LYS B 30 11.93 -5.08 -17.28
N PHE B 31 11.60 -3.79 -17.18
CA PHE B 31 10.19 -3.36 -17.24
C PHE B 31 9.53 -3.85 -18.53
N GLU B 32 10.26 -3.82 -19.64
CA GLU B 32 9.68 -4.24 -20.91
C GLU B 32 9.25 -5.70 -20.86
N LYS B 33 9.96 -6.53 -20.11
CA LYS B 33 9.66 -7.95 -20.03
C LYS B 33 8.60 -8.28 -18.99
N VAL B 34 8.37 -7.41 -18.02
CA VAL B 34 7.50 -7.68 -16.88
CA VAL B 34 7.49 -7.71 -16.90
C VAL B 34 6.16 -6.95 -16.99
N TYR B 35 6.18 -5.70 -17.46
CA TYR B 35 4.94 -4.94 -17.51
C TYR B 35 4.00 -5.56 -18.53
N LYS B 36 2.73 -5.67 -18.17
CA LYS B 36 1.69 -6.10 -19.10
C LYS B 36 0.56 -5.09 -19.06
N TRP B 37 -0.08 -4.90 -20.21
CA TRP B 37 -1.24 -4.01 -20.30
C TRP B 37 -2.47 -4.78 -20.74
N TYR B 38 -3.63 -4.25 -20.38
CA TYR B 38 -4.91 -4.92 -20.58
C TYR B 38 -5.90 -3.97 -21.25
N SER B 39 -6.67 -4.52 -22.17
CA SER B 39 -7.69 -3.75 -22.87
CA SER B 39 -7.70 -3.76 -22.88
C SER B 39 -8.91 -3.58 -21.97
N PRO B 40 -9.83 -2.66 -22.33
CA PRO B 40 -10.98 -2.41 -21.43
C PRO B 40 -11.78 -3.64 -21.04
N ALA B 41 -11.88 -4.64 -21.93
CA ALA B 41 -12.64 -5.84 -21.61
C ALA B 41 -12.03 -6.64 -20.47
N PHE B 42 -10.74 -6.43 -20.19
CA PHE B 42 -10.03 -7.20 -19.16
C PHE B 42 -9.49 -6.30 -18.07
N SER B 43 -10.00 -5.09 -17.93
CA SER B 43 -9.45 -4.14 -16.97
C SER B 43 -10.59 -3.48 -16.21
N PRO B 44 -10.31 -2.95 -15.02
CA PRO B 44 -11.35 -2.25 -14.26
C PRO B 44 -11.63 -0.83 -14.73
N HIS B 45 -10.88 -0.33 -15.72
CA HIS B 45 -10.97 1.06 -16.10
C HIS B 45 -10.95 1.19 -17.62
N ASP B 46 -11.74 2.13 -18.12
CA ASP B 46 -11.99 2.28 -19.55
C ASP B 46 -10.89 3.14 -20.17
N VAL B 47 -9.71 2.53 -20.32
CA VAL B 47 -8.59 3.15 -21.01
C VAL B 47 -8.05 2.14 -22.02
N PRO B 48 -7.42 2.57 -23.12
CA PRO B 48 -6.94 1.60 -24.11
C PRO B 48 -5.97 0.58 -23.56
N ARG B 49 -5.03 1.02 -22.72
CA ARG B 49 -3.98 0.14 -22.21
C ARG B 49 -3.85 0.39 -20.71
N PHE B 50 -4.36 -0.53 -19.90
CA PHE B 50 -4.28 -0.42 -18.45
C PHE B 50 -3.08 -1.21 -17.96
N ALA B 51 -2.14 -0.53 -17.29
CA ALA B 51 -0.89 -1.14 -16.87
C ALA B 51 -1.03 -1.63 -15.44
N GLU B 52 -1.23 -2.94 -15.28
CA GLU B 52 -1.53 -3.54 -13.99
C GLU B 52 -0.29 -3.55 -13.11
N VAL B 53 -0.37 -2.92 -11.94
CA VAL B 53 0.79 -2.84 -11.07
C VAL B 53 1.16 -4.20 -10.47
N GLY B 54 0.20 -5.13 -10.38
CA GLY B 54 0.50 -6.41 -9.77
C GLY B 54 1.59 -7.20 -10.48
N ASN B 55 1.73 -7.00 -11.79
CA ASN B 55 2.82 -7.67 -12.48
C ASN B 55 4.18 -7.10 -12.10
N ILE B 56 4.22 -5.85 -11.64
CA ILE B 56 5.46 -5.28 -11.12
C ILE B 56 5.76 -5.84 -9.74
N THR B 57 4.77 -5.80 -8.84
CA THR B 57 5.04 -6.23 -7.47
C THR B 57 5.34 -7.72 -7.40
N GLU B 58 4.86 -8.51 -8.37
CA GLU B 58 5.16 -9.93 -8.40
C GLU B 58 6.56 -10.24 -8.89
N ASN B 59 7.32 -9.23 -9.33
CA ASN B 59 8.68 -9.43 -9.81
C ASN B 59 9.66 -8.79 -8.84
N PRO B 60 10.24 -9.54 -7.91
CA PRO B 60 11.13 -8.90 -6.91
C PRO B 60 12.36 -8.25 -7.51
N GLU B 61 12.87 -8.73 -8.65
CA GLU B 61 14.02 -8.06 -9.27
C GLU B 61 13.67 -6.63 -9.68
N VAL B 62 12.52 -6.44 -10.33
CA VAL B 62 12.10 -5.09 -10.72
C VAL B 62 11.80 -4.25 -9.50
N MET B 63 11.13 -4.81 -8.50
CA MET B 63 10.87 -4.05 -7.27
C MET B 63 12.17 -3.58 -6.64
N ARG B 64 13.18 -4.46 -6.60
CA ARG B 64 14.48 -4.07 -6.07
C ARG B 64 15.12 -2.99 -6.93
N GLY B 65 14.96 -3.07 -8.25
CA GLY B 65 15.51 -2.05 -9.12
C GLY B 65 14.85 -0.70 -8.90
N ILE B 66 13.52 -0.69 -8.73
CA ILE B 66 12.81 0.54 -8.42
C ILE B 66 13.32 1.13 -7.12
N ARG B 67 13.35 0.31 -6.08
CA ARG B 67 13.81 0.78 -4.77
C ARG B 67 15.23 1.32 -4.85
N ASP B 68 16.14 0.55 -5.45
CA ASP B 68 17.54 0.96 -5.49
C ASP B 68 17.72 2.24 -6.29
N PHE B 69 16.96 2.43 -7.37
CA PHE B 69 17.11 3.65 -8.16
C PHE B 69 16.80 4.87 -7.30
N PHE B 70 15.66 4.86 -6.60
CA PHE B 70 15.26 6.05 -5.86
C PHE B 70 16.08 6.22 -4.58
N VAL B 71 16.43 5.12 -3.91
CA VAL B 71 17.32 5.23 -2.74
C VAL B 71 18.65 5.84 -3.16
N ASP B 72 19.23 5.34 -4.25
CA ASP B 72 20.51 5.89 -4.71
CA ASP B 72 20.51 5.89 -4.70
C ASP B 72 20.38 7.36 -5.10
N ARG B 73 19.27 7.72 -5.75
CA ARG B 73 19.07 9.09 -6.18
C ARG B 73 18.98 10.04 -4.99
N TYR B 74 18.33 9.62 -3.90
CA TYR B 74 17.97 10.51 -2.82
C TYR B 74 18.91 10.45 -1.60
N LYS B 75 19.92 9.60 -1.62
CA LYS B 75 20.78 9.46 -0.45
C LYS B 75 21.96 10.44 -0.48
N ASN B 76 22.51 10.71 0.71
CA ASN B 76 23.76 11.47 0.86
C ASN B 76 23.67 12.87 0.27
N LEU B 77 22.53 13.51 0.47
CA LEU B 77 22.31 14.84 -0.09
C LEU B 77 22.89 15.91 0.81
N GLN B 78 23.17 17.06 0.21
CA GLN B 78 23.53 18.22 1.00
C GLN B 78 22.36 18.67 1.87
N GLN B 79 21.17 18.69 1.31
CA GLN B 79 19.93 18.97 2.04
C GLN B 79 19.06 17.74 1.91
N PRO B 80 19.01 16.88 2.93
CA PRO B 80 18.30 15.60 2.78
C PRO B 80 16.81 15.77 2.57
N ILE B 81 16.24 14.82 1.84
CA ILE B 81 14.79 14.65 1.82
C ILE B 81 14.36 14.21 3.21
N THR B 82 13.23 14.75 3.68
CA THR B 82 12.75 14.47 5.03
C THR B 82 11.56 13.51 5.08
N HIS B 83 10.81 13.39 3.99
CA HIS B 83 9.60 12.58 3.96
C HIS B 83 9.34 12.12 2.54
N ILE B 84 8.81 10.90 2.41
CA ILE B 84 8.25 10.38 1.17
CA ILE B 84 8.24 10.41 1.17
C ILE B 84 6.74 10.30 1.35
N LEU B 85 5.98 10.92 0.45
CA LEU B 85 4.52 10.97 0.49
C LEU B 85 4.00 10.13 -0.65
N GLY B 86 3.21 9.11 -0.36
CA GLY B 86 2.73 8.19 -1.37
C GLY B 86 1.21 8.08 -1.41
N PHE B 87 0.67 7.89 -2.61
CA PHE B 87 -0.77 7.90 -2.84
C PHE B 87 -1.42 6.52 -2.62
N ASP B 88 -2.55 6.55 -1.93
CA ASP B 88 -3.50 5.46 -1.85
C ASP B 88 -3.99 5.10 -3.24
N SER B 89 -3.88 3.83 -3.67
CA SER B 89 -3.35 2.67 -2.94
CA SER B 89 -3.21 2.81 -2.85
C SER B 89 -2.04 2.17 -3.56
N ARG B 90 -1.83 2.49 -4.84
CA ARG B 90 -0.69 1.88 -5.52
C ARG B 90 0.63 2.57 -5.18
N GLY B 91 0.61 3.86 -4.83
CA GLY B 91 1.80 4.49 -4.31
C GLY B 91 2.27 3.86 -3.02
N PHE B 92 1.34 3.30 -2.23
CA PHE B 92 1.69 2.60 -1.01
C PHE B 92 2.60 1.41 -1.27
N LEU B 93 2.57 0.83 -2.49
CA LEU B 93 3.38 -0.33 -2.81
C LEU B 93 4.84 0.01 -3.03
N LEU B 94 5.16 1.28 -3.29
CA LEU B 94 6.50 1.69 -3.70
C LEU B 94 7.22 2.54 -2.66
N GLY B 95 6.51 3.43 -1.98
CA GLY B 95 7.12 4.39 -1.10
C GLY B 95 7.81 3.79 0.12
N PRO B 96 7.14 2.89 0.86
CA PRO B 96 7.75 2.36 2.09
C PRO B 96 9.10 1.70 1.90
N MET B 97 9.29 0.89 0.85
CA MET B 97 10.57 0.23 0.70
C MET B 97 11.70 1.22 0.45
N ILE B 98 11.38 2.36 -0.17
CA ILE B 98 12.36 3.42 -0.36
C ILE B 98 12.60 4.17 0.95
N ALA B 99 11.51 4.53 1.64
CA ALA B 99 11.62 5.32 2.87
C ALA B 99 12.40 4.59 3.95
N VAL B 100 12.20 3.26 4.08
CA VAL B 100 12.92 2.52 5.11
CA VAL B 100 12.92 2.51 5.11
C VAL B 100 14.43 2.56 4.86
N GLU B 101 14.84 2.47 3.59
CA GLU B 101 16.28 2.48 3.28
C GLU B 101 16.87 3.88 3.48
N LEU B 102 16.10 4.92 3.16
CA LEU B 102 16.55 6.29 3.39
C LEU B 102 16.40 6.70 4.85
N ASN B 103 15.73 5.90 5.67
CA ASN B 103 15.51 6.20 7.08
C ASN B 103 14.68 7.48 7.25
N VAL B 104 13.58 7.58 6.51
CA VAL B 104 12.68 8.73 6.62
C VAL B 104 11.23 8.26 6.76
N PRO B 105 10.37 9.12 7.31
CA PRO B 105 8.93 8.82 7.33
C PRO B 105 8.36 8.57 5.95
N PHE B 106 7.42 7.62 5.89
CA PHE B 106 6.51 7.49 4.76
C PHE B 106 5.15 8.01 5.19
N VAL B 107 4.62 8.99 4.47
CA VAL B 107 3.39 9.69 4.80
C VAL B 107 2.32 9.26 3.81
N LEU B 108 1.13 8.93 4.31
CA LEU B 108 0.04 8.46 3.48
C LEU B 108 -0.76 9.64 2.93
N ILE B 109 -0.97 9.66 1.61
CA ILE B 109 -1.96 10.53 0.99
CA ILE B 109 -1.97 10.54 1.01
C ILE B 109 -3.15 9.65 0.64
N ARG B 110 -4.31 9.92 1.22
CA ARG B 110 -5.39 8.94 1.14
C ARG B 110 -6.69 9.50 0.58
N LYS B 111 -7.47 8.58 0.03
CA LYS B 111 -8.82 8.91 -0.40
CA LYS B 111 -8.83 8.87 -0.39
C LYS B 111 -9.71 9.18 0.82
N ALA B 112 -10.96 9.53 0.58
N ALA B 112 -10.95 9.51 0.49
CA ALA B 112 -11.80 10.00 1.68
CA ALA B 112 -11.99 10.11 1.33
C ALA B 112 -12.02 8.93 2.74
C ALA B 112 -11.80 9.90 2.82
N ASN B 113 -12.17 9.39 3.99
N ASN B 113 -10.91 10.70 3.41
CA ASN B 113 -12.53 8.56 5.13
CA ASN B 113 -10.82 10.85 4.85
C ASN B 113 -11.57 7.39 5.32
C ASN B 113 -10.49 9.55 5.58
N LYS B 114 -10.28 7.72 5.33
N LYS B 114 -9.83 8.60 4.89
CA LYS B 114 -9.19 6.77 5.48
CA LYS B 114 -9.50 7.29 5.46
C LYS B 114 -8.19 7.15 6.56
C LYS B 114 -8.53 7.36 6.63
N ILE B 115 -7.88 8.46 6.77
CA ILE B 115 -6.88 8.80 7.79
C ILE B 115 -7.57 9.35 9.02
N ALA B 116 -7.10 8.92 10.20
CA ALA B 116 -7.60 9.44 11.47
C ALA B 116 -6.87 10.73 11.87
N GLY B 117 -7.47 11.45 12.79
CA GLY B 117 -6.91 12.70 13.28
C GLY B 117 -7.44 13.91 12.55
N VAL B 118 -6.73 15.02 12.69
CA VAL B 118 -7.03 16.21 11.91
C VAL B 118 -6.38 16.04 10.55
N ILE B 119 -7.14 16.26 9.47
CA ILE B 119 -6.65 15.98 8.13
C ILE B 119 -6.93 17.17 7.22
N ILE B 120 -6.03 17.38 6.25
CA ILE B 120 -6.18 18.40 5.22
C ILE B 120 -6.71 17.71 3.97
N LYS B 121 -7.70 18.34 3.33
CA LYS B 121 -8.32 17.79 2.13
CA LYS B 121 -8.36 17.81 2.14
C LYS B 121 -8.00 18.66 0.92
N SER B 122 -7.73 18.00 -0.21
CA SER B 122 -7.40 18.69 -1.45
C SER B 122 -8.69 19.16 -2.13
N GLU B 123 -8.54 19.87 -3.25
CA GLU B 123 -9.64 20.12 -4.15
C GLU B 123 -10.07 18.80 -4.80
N PRO B 124 -11.31 18.71 -5.30
CA PRO B 124 -11.71 17.53 -6.06
C PRO B 124 -10.79 17.32 -7.25
N TYR B 125 -10.47 16.06 -7.54
CA TYR B 125 -9.53 15.72 -8.60
C TYR B 125 -10.16 14.67 -9.53
N THR B 126 -9.52 14.50 -10.69
CA THR B 126 -9.93 13.49 -11.66
C THR B 126 -8.70 12.74 -12.16
N LYS B 127 -8.95 11.56 -12.73
CA LYS B 127 -7.92 10.68 -13.26
C LYS B 127 -8.16 10.46 -14.76
N GLU B 128 -7.32 9.60 -15.36
CA GLU B 128 -7.52 9.25 -16.77
C GLU B 128 -8.87 8.57 -17.01
N TYR B 129 -9.45 7.94 -15.99
CA TYR B 129 -10.74 7.28 -16.12
C TYR B 129 -11.72 7.78 -15.07
N GLU B 134 -16.68 15.75 -5.19
CA GLU B 134 -16.45 14.52 -5.94
C GLU B 134 -15.53 13.57 -5.17
N GLU B 135 -14.25 13.58 -5.51
CA GLU B 135 -13.25 12.77 -4.82
C GLU B 135 -12.03 13.64 -4.56
N CYS B 136 -11.54 13.64 -3.32
CA CYS B 136 -10.42 14.46 -2.90
C CYS B 136 -9.41 13.60 -2.16
N MET B 137 -8.14 14.00 -2.20
CA MET B 137 -7.10 13.36 -1.42
C MET B 137 -6.91 14.09 -0.09
N THR B 138 -6.38 13.38 0.90
CA THR B 138 -6.20 13.92 2.24
C THR B 138 -4.83 13.53 2.79
N VAL B 139 -4.36 14.31 3.76
CA VAL B 139 -3.12 13.99 4.47
C VAL B 139 -3.31 14.38 5.93
N ARG B 140 -2.66 13.66 6.83
CA ARG B 140 -2.78 14.00 8.24
C ARG B 140 -2.06 15.32 8.53
N PHE B 141 -2.76 16.23 9.22
CA PHE B 141 -2.12 17.45 9.67
C PHE B 141 -1.05 17.10 10.68
N GLY B 142 0.13 17.69 10.52
CA GLY B 142 1.25 17.44 11.39
C GLY B 142 2.20 16.36 10.91
N SER B 143 1.90 15.70 9.79
CA SER B 143 2.84 14.69 9.30
CA SER B 143 2.80 14.68 9.23
C SER B 143 4.08 15.30 8.66
N PHE B 144 4.00 16.54 8.19
CA PHE B 144 5.14 17.26 7.64
C PHE B 144 4.82 18.74 7.74
N ASP B 145 5.83 19.60 7.55
CA ASP B 145 5.63 21.02 7.81
C ASP B 145 6.46 21.86 6.84
N LYS B 146 6.52 23.17 7.10
CA LYS B 146 7.17 24.09 6.18
C LYS B 146 8.67 23.85 6.06
N ASN B 147 9.26 23.12 7.01
CA ASN B 147 10.69 22.80 6.96
C ASN B 147 10.97 21.47 6.29
N SER B 148 9.93 20.77 5.83
CA SER B 148 10.11 19.47 5.21
C SER B 148 10.53 19.60 3.75
N ARG B 149 11.21 18.57 3.27
CA ARG B 149 11.65 18.46 1.88
C ARG B 149 11.11 17.12 1.42
N VAL B 150 10.08 17.15 0.56
CA VAL B 150 9.28 15.95 0.36
C VAL B 150 9.32 15.50 -1.10
N VAL B 151 9.19 14.18 -1.27
CA VAL B 151 8.99 13.57 -2.59
C VAL B 151 7.59 12.96 -2.62
N LEU B 152 6.86 13.23 -3.70
CA LEU B 152 5.56 12.58 -3.96
C LEU B 152 5.79 11.38 -4.85
N ILE B 153 5.18 10.23 -4.52
CA ILE B 153 5.38 9.01 -5.29
C ILE B 153 4.06 8.30 -5.58
N ASP B 154 3.94 7.79 -6.81
CA ASP B 154 2.80 6.99 -7.24
C ASP B 154 3.34 5.97 -8.24
N ASP B 155 2.47 5.05 -8.69
CA ASP B 155 2.93 4.14 -9.75
C ASP B 155 2.87 4.80 -11.12
N VAL B 156 1.69 5.27 -11.51
CA VAL B 156 1.45 5.81 -12.85
C VAL B 156 1.12 7.29 -12.73
N ILE B 157 1.71 8.08 -13.63
CA ILE B 157 1.33 9.47 -13.83
C ILE B 157 0.70 9.54 -15.21
N ALA B 158 -0.60 9.85 -15.26
CA ALA B 158 -1.36 9.89 -16.50
C ALA B 158 -1.74 11.33 -16.75
N THR B 159 -2.96 11.75 -16.42
CA THR B 159 -3.34 13.15 -16.62
C THR B 159 -2.63 14.07 -15.64
N GLY B 160 -2.07 13.55 -14.54
CA GLY B 160 -1.48 14.40 -13.53
C GLY B 160 -2.46 14.96 -12.52
N GLY B 161 -3.74 14.59 -12.60
CA GLY B 161 -4.70 15.08 -11.63
C GLY B 161 -4.41 14.61 -10.22
N THR B 162 -4.00 13.34 -10.07
CA THR B 162 -3.65 12.83 -8.75
C THR B 162 -2.47 13.58 -8.17
N MET B 163 -1.42 13.76 -8.97
CA MET B 163 -0.25 14.49 -8.49
C MET B 163 -0.62 15.91 -8.08
N LEU B 164 -1.51 16.57 -8.83
CA LEU B 164 -1.94 17.91 -8.46
C LEU B 164 -2.58 17.93 -7.07
N ALA B 165 -3.38 16.91 -6.76
CA ALA B 165 -3.96 16.84 -5.41
C ALA B 165 -2.86 16.75 -4.36
N GLY B 166 -1.81 15.97 -4.62
CA GLY B 166 -0.68 15.92 -3.69
C GLY B 166 0.03 17.25 -3.58
N VAL B 167 0.22 17.93 -4.70
CA VAL B 167 0.89 19.24 -4.68
C VAL B 167 0.09 20.23 -3.84
N GLN B 168 -1.24 20.20 -3.96
CA GLN B 168 -2.07 21.07 -3.14
C GLN B 168 -1.84 20.82 -1.65
N LEU B 169 -1.71 19.56 -1.27
CA LEU B 169 -1.50 19.22 0.14
C LEU B 169 -0.12 19.62 0.62
N VAL B 170 0.90 19.43 -0.21
CA VAL B 170 2.25 19.89 0.13
C VAL B 170 2.26 21.41 0.29
N ASP B 171 1.64 22.11 -0.67
CA ASP B 171 1.56 23.56 -0.62
C ASP B 171 0.81 24.03 0.62
N ALA B 172 -0.21 23.29 1.07
CA ALA B 172 -0.99 23.68 2.24
C ALA B 172 -0.17 23.68 3.51
N CYS B 173 0.97 23.01 3.53
CA CYS B 173 1.86 23.01 4.68
C CYS B 173 3.13 23.83 4.44
N GLY B 174 3.26 24.45 3.26
CA GLY B 174 4.43 25.28 2.99
C GLY B 174 5.73 24.51 2.81
N ALA B 175 5.65 23.21 2.57
CA ALA B 175 6.84 22.38 2.46
C ALA B 175 7.50 22.58 1.09
N THR B 176 8.77 22.16 1.01
CA THR B 176 9.49 22.18 -0.25
C THR B 176 9.23 20.86 -0.96
N LEU B 177 8.68 20.95 -2.17
CA LEU B 177 8.46 19.78 -3.02
C LEU B 177 9.75 19.54 -3.81
N VAL B 178 10.42 18.43 -3.51
CA VAL B 178 11.72 18.12 -4.11
C VAL B 178 11.58 17.45 -5.46
N GLU B 179 10.65 16.51 -5.59
CA GLU B 179 10.52 15.76 -6.83
C GLU B 179 9.19 15.01 -6.82
N VAL B 180 8.70 14.74 -8.02
CA VAL B 180 7.56 13.89 -8.28
C VAL B 180 8.09 12.62 -8.93
N ALA B 181 7.73 11.46 -8.37
CA ALA B 181 8.31 10.18 -8.75
C ALA B 181 7.22 9.18 -9.10
N GLY B 182 7.48 8.38 -10.13
CA GLY B 182 6.61 7.29 -10.50
C GLY B 182 7.39 6.22 -11.24
N ILE B 183 6.70 5.13 -11.56
CA ILE B 183 7.31 4.10 -12.40
C ILE B 183 6.88 4.15 -13.85
N LEU B 184 5.71 4.73 -14.15
CA LEU B 184 5.21 4.76 -15.52
C LEU B 184 4.60 6.13 -15.79
N GLY B 185 5.15 6.84 -16.75
CA GLY B 185 4.60 8.12 -17.16
C GLY B 185 4.01 8.02 -18.54
N LEU B 186 2.73 8.40 -18.68
CA LEU B 186 2.07 8.37 -19.99
C LEU B 186 2.25 9.76 -20.58
N THR B 187 3.37 9.97 -21.27
CA THR B 187 3.78 11.34 -21.59
C THR B 187 2.82 12.01 -22.57
N PHE B 188 2.11 11.24 -23.41
CA PHE B 188 1.17 11.85 -24.35
C PHE B 188 0.05 12.59 -23.64
N LEU B 189 -0.19 12.30 -22.36
CA LEU B 189 -1.17 13.01 -21.56
C LEU B 189 -0.60 14.26 -20.89
N LYS B 190 0.70 14.49 -20.98
CA LYS B 190 1.33 15.71 -20.48
C LYS B 190 0.94 15.97 -19.01
N GLY B 191 1.14 14.95 -18.18
CA GLY B 191 0.72 14.98 -16.79
C GLY B 191 1.45 15.97 -15.92
N THR B 192 2.50 16.61 -16.42
CA THR B 192 3.15 17.68 -15.69
C THR B 192 2.26 18.93 -15.59
N GLN B 193 1.36 19.12 -16.55
CA GLN B 193 0.67 20.41 -16.68
C GLN B 193 -0.14 20.82 -15.46
N PRO B 194 -0.97 19.94 -14.86
CA PRO B 194 -1.72 20.40 -13.67
C PRO B 194 -0.83 20.88 -12.55
N ALA B 195 0.19 20.10 -12.17
CA ALA B 195 1.07 20.50 -11.08
C ALA B 195 1.89 21.74 -11.46
N HIS B 196 2.32 21.82 -12.71
CA HIS B 196 3.22 22.90 -13.14
C HIS B 196 2.49 24.20 -13.43
N THR B 197 1.15 24.19 -13.47
CA THR B 197 0.40 25.43 -13.61
C THR B 197 -0.31 25.85 -12.33
N PHE B 198 -0.37 24.98 -11.33
CA PHE B 198 -0.98 25.32 -10.04
C PHE B 198 -0.32 26.56 -9.45
N ALA B 199 -1.15 27.42 -8.84
CA ALA B 199 -0.67 28.60 -8.12
C ALA B 199 0.28 29.43 -8.97
N GLY B 200 -0.16 29.74 -10.19
CA GLY B 200 0.60 30.57 -11.10
C GLY B 200 1.92 30.02 -11.56
N GLY B 201 2.10 28.70 -11.51
CA GLY B 201 3.36 28.09 -11.89
C GLY B 201 4.38 27.97 -10.78
N ARG B 202 3.94 28.03 -9.53
CA ARG B 202 4.87 28.00 -8.40
CA ARG B 202 4.84 27.99 -8.38
C ARG B 202 5.74 26.75 -8.41
N TYR B 203 5.21 25.62 -8.88
CA TYR B 203 5.96 24.36 -8.86
C TYR B 203 6.44 23.92 -10.24
N SER B 204 6.52 24.85 -11.20
CA SER B 204 6.88 24.49 -12.56
C SER B 204 8.32 23.99 -12.67
N ASN B 205 9.15 24.21 -11.66
CA ASN B 205 10.54 23.78 -11.66
CA ASN B 205 10.53 23.76 -11.71
C ASN B 205 10.75 22.42 -11.00
N VAL B 206 9.69 21.74 -10.61
CA VAL B 206 9.80 20.45 -9.92
C VAL B 206 9.82 19.35 -10.98
N PRO B 207 10.90 18.58 -11.11
CA PRO B 207 10.92 17.49 -12.09
C PRO B 207 9.93 16.39 -11.76
N PHE B 208 9.33 15.84 -12.81
CA PHE B 208 8.65 14.55 -12.77
C PHE B 208 9.64 13.51 -13.27
N VAL B 209 9.81 12.44 -12.50
CA VAL B 209 10.72 11.35 -12.88
C VAL B 209 9.91 10.07 -12.87
N THR B 210 9.65 9.51 -14.04
CA THR B 210 8.95 8.23 -14.15
C THR B 210 9.88 7.24 -14.83
N LEU B 211 10.15 6.10 -14.19
CA LEU B 211 11.20 5.22 -14.66
C LEU B 211 11.00 4.80 -16.12
N VAL B 212 9.78 4.36 -16.46
CA VAL B 212 9.50 4.07 -17.87
C VAL B 212 8.32 4.92 -18.35
N ASP B 213 7.98 4.77 -19.62
CA ASP B 213 6.93 5.58 -20.24
C ASP B 213 6.08 4.66 -21.10
N GLU B 214 5.16 5.27 -21.87
CA GLU B 214 4.20 4.50 -22.66
C GLU B 214 4.86 3.59 -23.70
N THR B 215 6.11 3.87 -24.11
CA THR B 215 6.75 2.99 -25.08
C THR B 215 7.04 1.60 -24.51
N VAL B 216 6.96 1.43 -23.18
CA VAL B 216 7.12 0.11 -22.58
C VAL B 216 5.93 -0.78 -22.90
N LEU B 217 4.81 -0.20 -23.29
CA LEU B 217 3.59 -0.94 -23.62
C LEU B 217 3.61 -1.18 -25.12
N SER B 218 3.93 -2.39 -25.53
CA SER B 218 4.03 -2.74 -26.94
C SER B 218 2.99 -3.82 -27.27
N ASP B 219 2.91 -4.16 -28.55
CA ASP B 219 1.99 -5.22 -28.96
C ASP B 219 2.27 -6.53 -28.23
N GLU B 220 3.52 -6.78 -27.86
CA GLU B 220 3.94 -8.08 -27.37
C GLU B 220 3.89 -8.24 -25.85
N ASN B 221 3.57 -7.17 -25.10
CA ASN B 221 3.35 -7.35 -23.68
C ASN B 221 1.90 -7.04 -23.28
N CYS B 222 0.97 -7.33 -24.18
CA CYS B 222 -0.44 -7.31 -23.82
C CYS B 222 -0.76 -8.54 -22.98
N GLY B 223 -1.44 -8.32 -21.86
CA GLY B 223 -1.83 -9.40 -20.98
C GLY B 223 -3.19 -10.00 -21.20
N ASP B 224 -3.97 -9.49 -22.17
CA ASP B 224 -5.32 -9.98 -22.41
C ASP B 224 -5.28 -11.49 -22.61
N PRO B 225 -6.09 -12.26 -21.87
CA PRO B 225 -6.19 -13.71 -22.12
C PRO B 225 -7.04 -13.99 -23.35
N LEU B 226 -6.39 -14.34 -24.45
CA LEU B 226 -7.03 -14.41 -25.75
C LEU B 226 -8.00 -15.57 -25.90
N HIS B 227 -7.97 -16.55 -24.99
CA HIS B 227 -8.84 -17.72 -25.09
C HIS B 227 -9.88 -17.79 -23.99
N HIS B 228 -9.83 -16.90 -23.00
CA HIS B 228 -10.71 -17.02 -21.84
C HIS B 228 -12.15 -16.77 -22.24
N LYS B 229 -13.04 -17.67 -21.83
CA LYS B 229 -14.45 -17.60 -22.18
C LYS B 229 -15.26 -17.11 -20.98
N GLY B 230 -16.21 -16.22 -21.25
CA GLY B 230 -17.10 -15.74 -20.21
C GLY B 230 -16.50 -14.63 -19.39
N SER B 231 -17.11 -14.40 -18.22
CA SER B 231 -16.67 -13.33 -17.33
C SER B 231 -15.23 -13.55 -16.89
N ARG B 232 -14.46 -12.45 -16.83
CA ARG B 232 -13.11 -12.52 -16.31
C ARG B 232 -13.06 -12.68 -14.79
N ILE B 233 -14.18 -12.53 -14.10
CA ILE B 233 -14.25 -12.72 -12.65
C ILE B 233 -14.83 -14.10 -12.39
N ILE B 234 -14.07 -14.94 -11.70
CA ILE B 234 -14.51 -16.31 -11.41
C ILE B 234 -14.62 -16.51 -9.91
N SER B 235 -15.54 -17.39 -9.51
CA SER B 235 -15.74 -17.68 -8.10
C SER B 235 -14.66 -18.63 -7.59
N CYS B 236 -14.60 -18.78 -6.26
CA CYS B 236 -13.67 -19.76 -5.70
C CYS B 236 -14.00 -21.18 -6.15
N ALA B 237 -15.29 -21.52 -6.20
CA ALA B 237 -15.69 -22.84 -6.66
C ALA B 237 -15.28 -23.07 -8.11
N GLU B 238 -15.45 -22.05 -8.96
CA GLU B 238 -15.03 -22.17 -10.35
C GLU B 238 -13.51 -22.30 -10.46
N ALA B 239 -12.77 -21.53 -9.66
CA ALA B 239 -11.31 -21.59 -9.71
C ALA B 239 -10.81 -22.97 -9.27
N LYS B 240 -11.46 -23.58 -8.29
CA LYS B 240 -11.00 -24.86 -7.78
CA LYS B 240 -11.00 -24.86 -7.79
C LYS B 240 -11.16 -25.98 -8.81
N LYS B 241 -12.12 -25.84 -9.73
CA LYS B 241 -12.25 -26.84 -10.79
C LYS B 241 -11.11 -26.75 -11.79
N LEU B 242 -10.36 -25.65 -11.79
CA LEU B 242 -9.19 -25.47 -12.65
C LEU B 242 -7.88 -25.89 -11.97
N ILE B 243 -7.92 -26.26 -10.69
CA ILE B 243 -6.71 -26.62 -9.95
C ILE B 243 -6.10 -27.89 -10.54
N9 ADE C . -9.22 -2.26 11.12
C8 ADE C . -10.15 -2.98 11.79
N7 ADE C . -10.28 -2.63 13.06
C5 ADE C . -9.37 -1.61 13.22
C6 ADE C . -9.01 -0.81 14.33
N6 ADE C . -9.57 -0.94 15.56
N1 ADE C . -8.06 0.12 14.15
C2 ADE C . -7.50 0.23 12.94
N3 ADE C . -7.75 -0.44 11.82
C4 ADE C . -8.70 -1.37 12.03
C1 HSX D . -9.05 -2.78 8.05
O4 HSX D . -9.84 -3.91 8.44
C2 HSX D . -7.61 -3.25 8.26
O2 HSX D . -6.68 -2.52 7.48
C3 HSX D . -7.70 -4.72 7.91
O3 HSX D . -7.69 -4.91 6.48
C4 HSX D . -9.07 -5.12 8.43
C5 HSX D . -9.02 -5.74 9.83
O5 HSX D . -10.34 -5.93 10.34
P' HSX D . -11.02 -7.39 10.39
O1X HSX D . -11.43 -7.78 8.98
O2X HSX D . -10.01 -8.33 10.99
O3X HSX D . -12.21 -7.16 11.30
O1 HSX D . -9.27 -2.50 6.66
O11 PPV E . -11.25 -0.80 5.80
P1 PPV E . -10.70 -0.21 4.52
O21 PPV E . -11.37 1.08 4.11
O31 PPV E . -10.57 -1.24 3.42
OPP PPV E . -9.18 0.17 4.92
P2 PPV E . -7.87 0.51 4.04
O12 PPV E . -7.29 1.53 4.99
O22 PPV E . -7.14 -0.82 3.94
O32 PPV E . -8.28 1.11 2.72
MG MG F . -10.03 0.29 2.43
N9 ADE G . -3.85 5.07 -13.84
C8 ADE G . -4.24 6.02 -14.76
N7 ADE G . -4.13 5.62 -15.99
C5 ADE G . -3.65 4.33 -15.90
C6 ADE G . -3.33 3.36 -16.88
N6 ADE G . -3.45 3.58 -18.19
N1 ADE G . -2.87 2.17 -16.44
C2 ADE G . -2.75 1.96 -15.12
N3 ADE G . -3.03 2.79 -14.12
C4 ADE G . -3.47 3.98 -14.58
C1 HSX H . -4.42 5.52 -10.76
O4 HSX H . -4.63 6.83 -11.30
C2 HSX H . -2.93 5.44 -10.51
O2 HSX H . -2.62 4.51 -9.46
C3 HSX H . -2.58 6.86 -10.12
O3 HSX H . -2.85 7.05 -8.71
C4 HSX H . -3.56 7.69 -10.92
C5 HSX H . -2.86 8.30 -12.13
O5 HSX H . -3.83 8.94 -12.98
P' HSX H . -3.81 10.53 -13.20
O1X HSX H . -4.70 10.70 -14.40
O2X HSX H . -2.38 10.94 -13.41
O3X HSX H . -4.41 11.15 -11.95
O1 HSX H . -5.14 5.37 -9.53
O11 PPV I . -8.83 4.96 -7.76
P1 PPV I . -8.02 3.83 -8.35
O21 PPV I . -7.55 4.05 -9.76
O31 PPV I . -8.58 2.45 -8.12
OPP PPV I . -6.65 3.87 -7.51
P2 PPV I . -5.99 2.60 -6.78
O12 PPV I . -4.63 3.21 -6.46
O22 PPV I . -5.96 1.52 -7.85
O32 PPV I . -6.87 2.29 -5.60
#